data_4UIT
#
_entry.id   4UIT
#
_cell.length_a   24.700
_cell.length_b   34.110
_cell.length_c   39.680
_cell.angle_alpha   70.26
_cell.angle_beta   73.80
_cell.angle_gamma   74.24
#
_symmetry.space_group_name_H-M   'P 1'
#
loop_
_entity.id
_entity.type
_entity.pdbx_description
1 polymer 'BROMODOMAIN-CONTAINING PROTEIN 9'
2 non-polymer 7-(3,4-dimethoxyphenyl)-5-methyl-2-(4-methylsulfonylpiperazin-1-yl)carbonyl-thieno[3,2-c]pyridin-4-one
3 water water
#
_entity_poly.entity_id   1
_entity_poly.type   'polypeptide(L)'
_entity_poly.pdbx_seq_one_letter_code
;GAENESTPIQQLLEHFLRQLQRKDPHGFFAFPVTDAIAPGYSMIIKHPMDFGTMKDKIVANEYKSVTEFKADFKLMCDNA
MTYNRPDTVYYKLAKKILHAGFKMMS
;
_entity_poly.pdbx_strand_id   A
#
# COMPACT_ATOMS: atom_id res chain seq x y z
N SER A 6 3.87 -17.78 13.52
CA SER A 6 3.02 -16.71 13.05
C SER A 6 1.54 -17.01 13.24
N THR A 7 0.82 -16.01 13.64
CA THR A 7 -0.52 -16.14 14.09
C THR A 7 -1.53 -16.23 12.93
N PRO A 8 -2.76 -16.59 13.23
CA PRO A 8 -3.74 -16.63 12.14
C PRO A 8 -3.89 -15.28 11.41
N ILE A 9 -3.93 -14.16 12.12
CA ILE A 9 -4.03 -12.86 11.45
CA ILE A 9 -4.01 -12.85 11.48
C ILE A 9 -2.80 -12.59 10.58
N GLN A 10 -1.59 -12.91 11.05
CA GLN A 10 -0.40 -12.75 10.20
C GLN A 10 -0.51 -13.55 8.92
N GLN A 11 -0.99 -14.78 9.02
CA GLN A 11 -1.13 -15.63 7.84
C GLN A 11 -2.13 -15.05 6.84
N LEU A 12 -3.27 -14.57 7.33
CA LEU A 12 -4.26 -13.95 6.46
C LEU A 12 -3.71 -12.68 5.78
N LEU A 13 -3.04 -11.83 6.57
CA LEU A 13 -2.50 -10.59 6.01
C LEU A 13 -1.40 -10.87 5.00
N GLU A 14 -0.56 -11.89 5.23
CA GLU A 14 0.43 -12.29 4.23
CA GLU A 14 0.43 -12.26 4.23
C GLU A 14 -0.25 -12.69 2.92
N HIS A 15 -1.37 -13.41 3.03
CA HIS A 15 -2.16 -13.81 1.86
C HIS A 15 -2.71 -12.60 1.13
N PHE A 16 -3.38 -11.70 1.86
CA PHE A 16 -3.90 -10.47 1.23
C PHE A 16 -2.77 -9.67 0.57
N LEU A 17 -1.64 -9.53 1.24
CA LEU A 17 -0.55 -8.72 0.70
C LEU A 17 -0.01 -9.32 -0.61
N ARG A 18 0.16 -10.64 -0.64
CA ARG A 18 0.59 -11.30 -1.88
C ARG A 18 -0.39 -10.99 -3.02
N GLN A 19 -1.68 -11.12 -2.75
CA GLN A 19 -2.69 -10.88 -3.77
C GLN A 19 -2.72 -9.40 -4.21
N LEU A 20 -2.55 -8.47 -3.28
CA LEU A 20 -2.52 -7.05 -3.62
C LEU A 20 -1.29 -6.70 -4.46
N GLN A 21 -0.13 -7.26 -4.11
CA GLN A 21 1.10 -6.94 -4.84
C GLN A 21 1.10 -7.47 -6.26
N ARG A 22 0.38 -8.55 -6.52
CA ARG A 22 0.19 -9.05 -7.90
C ARG A 22 -0.47 -8.00 -8.80
N LYS A 23 -1.22 -7.09 -8.20
CA LYS A 23 -1.87 -6.03 -8.97
C LYS A 23 -0.93 -4.86 -9.33
N ASP A 24 0.32 -4.91 -8.84
CA ASP A 24 1.34 -3.89 -9.09
C ASP A 24 2.58 -4.56 -9.68
N PRO A 25 2.48 -5.10 -10.91
CA PRO A 25 3.61 -5.85 -11.47
C PRO A 25 4.88 -5.04 -11.70
N HIS A 26 4.77 -3.73 -11.90
CA HIS A 26 5.95 -2.88 -12.02
C HIS A 26 6.62 -2.57 -10.70
N GLY A 27 5.95 -2.85 -9.58
CA GLY A 27 6.48 -2.54 -8.27
C GLY A 27 6.52 -1.06 -7.95
N PHE A 28 5.58 -0.28 -8.49
CA PHE A 28 5.52 1.13 -8.17
C PHE A 28 5.30 1.39 -6.67
N PHE A 29 4.62 0.45 -6.01
CA PHE A 29 4.24 0.53 -4.61
C PHE A 29 5.05 -0.43 -3.71
N ALA A 30 6.10 -1.03 -4.26
CA ALA A 30 6.90 -2.03 -3.54
C ALA A 30 7.72 -1.47 -2.38
N PHE A 31 8.19 -0.24 -2.51
CA PHE A 31 9.14 0.35 -1.55
C PHE A 31 8.77 1.81 -1.31
N PRO A 32 9.23 2.39 -0.18
CA PRO A 32 8.91 3.81 0.06
C PRO A 32 9.32 4.70 -1.10
N VAL A 33 8.49 5.67 -1.42
CA VAL A 33 8.83 6.66 -2.44
C VAL A 33 9.93 7.55 -1.90
N THR A 34 11.04 7.65 -2.63
CA THR A 34 12.16 8.51 -2.23
C THR A 34 11.99 9.91 -2.86
N ASP A 35 12.52 10.94 -2.20
CA ASP A 35 12.46 12.30 -2.76
C ASP A 35 13.25 12.42 -4.07
N ALA A 36 14.31 11.61 -4.21
CA ALA A 36 15.07 11.55 -5.46
C ALA A 36 14.21 11.14 -6.66
N ILE A 37 13.32 10.16 -6.46
CA ILE A 37 12.41 9.69 -7.50
CA ILE A 37 12.44 9.71 -7.54
C ILE A 37 11.19 10.61 -7.67
N ALA A 38 10.74 11.21 -6.55
CA ALA A 38 9.55 12.07 -6.55
C ALA A 38 9.82 13.38 -5.80
N PRO A 39 10.20 14.43 -6.56
CA PRO A 39 10.58 15.71 -5.95
C PRO A 39 9.60 16.25 -4.90
N GLY A 40 10.13 16.58 -3.74
CA GLY A 40 9.36 17.15 -2.63
C GLY A 40 8.40 16.20 -1.89
N TYR A 41 8.49 14.91 -2.17
CA TYR A 41 7.46 13.96 -1.71
C TYR A 41 7.26 14.02 -0.19
N SER A 42 8.35 13.95 0.57
CA SER A 42 8.28 13.90 2.04
C SER A 42 7.72 15.18 2.68
N MET A 43 7.74 16.27 1.94
CA MET A 43 7.22 17.55 2.42
C MET A 43 5.73 17.73 2.09
N ILE A 44 5.20 16.87 1.23
CA ILE A 44 3.78 16.89 0.83
C ILE A 44 2.98 15.77 1.52
N ILE A 45 3.58 14.58 1.60
CA ILE A 45 2.90 13.41 2.13
C ILE A 45 3.41 13.18 3.54
N LYS A 46 2.53 13.40 4.51
CA LYS A 46 2.91 13.38 5.91
C LYS A 46 3.04 11.98 6.51
N HIS A 47 2.30 11.00 5.96
CA HIS A 47 2.28 9.63 6.45
C HIS A 47 2.49 8.68 5.30
N PRO A 48 3.74 8.53 4.83
CA PRO A 48 4.01 7.63 3.70
CA PRO A 48 4.01 7.63 3.70
C PRO A 48 3.70 6.16 4.01
N MET A 49 3.33 5.41 2.98
CA MET A 49 3.10 3.98 3.13
C MET A 49 3.38 3.29 1.82
N ASP A 50 3.75 2.02 1.91
CA ASP A 50 4.08 1.20 0.73
C ASP A 50 3.96 -0.27 1.13
N PHE A 51 3.94 -1.16 0.14
CA PHE A 51 3.78 -2.58 0.39
C PHE A 51 4.95 -3.20 1.18
N GLY A 52 6.17 -2.70 0.99
CA GLY A 52 7.33 -3.19 1.74
C GLY A 52 7.23 -2.92 3.23
N THR A 53 6.84 -1.69 3.57
CA THR A 53 6.58 -1.31 4.95
C THR A 53 5.45 -2.16 5.53
N MET A 54 4.39 -2.40 4.76
CA MET A 54 3.30 -3.27 5.22
C MET A 54 3.78 -4.68 5.54
N LYS A 55 4.60 -5.25 4.67
CA LYS A 55 5.22 -6.56 4.94
C LYS A 55 5.97 -6.57 6.27
N ASP A 56 6.80 -5.56 6.47
CA ASP A 56 7.58 -5.47 7.72
C ASP A 56 6.67 -5.36 8.93
N LYS A 57 5.57 -4.62 8.80
CA LYS A 57 4.61 -4.50 9.91
C LYS A 57 3.89 -5.83 10.20
N ILE A 58 3.59 -6.63 9.17
CA ILE A 58 3.02 -7.95 9.41
C ILE A 58 4.02 -8.82 10.16
N VAL A 59 5.26 -8.88 9.68
CA VAL A 59 6.30 -9.71 10.31
C VAL A 59 6.53 -9.27 11.77
N ALA A 60 6.50 -7.98 12.04
CA ALA A 60 6.65 -7.45 13.41
C ALA A 60 5.39 -7.58 14.26
N ASN A 61 4.33 -8.14 13.68
CA ASN A 61 3.03 -8.32 14.32
C ASN A 61 2.38 -7.00 14.81
N GLU A 62 2.55 -5.95 14.03
CA GLU A 62 1.97 -4.65 14.36
C GLU A 62 0.49 -4.49 13.99
N TYR A 63 -0.02 -5.31 13.07
CA TYR A 63 -1.44 -5.26 12.73
C TYR A 63 -2.21 -6.19 13.64
N LYS A 64 -3.11 -5.63 14.45
CA LYS A 64 -3.89 -6.44 15.38
C LYS A 64 -5.28 -6.74 14.86
N SER A 65 -5.62 -6.20 13.70
CA SER A 65 -6.90 -6.50 13.04
C SER A 65 -6.71 -6.31 11.54
N VAL A 66 -7.62 -6.90 10.77
CA VAL A 66 -7.64 -6.70 9.34
C VAL A 66 -7.97 -5.23 9.05
N THR A 67 -8.81 -4.61 9.86
CA THR A 67 -9.14 -3.20 9.71
C THR A 67 -7.89 -2.31 9.66
N GLU A 68 -6.94 -2.55 10.56
CA GLU A 68 -5.69 -1.75 10.56
C GLU A 68 -4.87 -1.94 9.28
N PHE A 69 -4.82 -3.17 8.79
CA PHE A 69 -4.11 -3.47 7.54
C PHE A 69 -4.77 -2.74 6.37
N LYS A 70 -6.09 -2.85 6.27
CA LYS A 70 -6.84 -2.18 5.22
C LYS A 70 -6.62 -0.66 5.25
N ALA A 71 -6.53 -0.09 6.46
CA ALA A 71 -6.28 1.35 6.58
C ALA A 71 -4.91 1.75 6.02
N ASP A 72 -3.88 0.92 6.21
CA ASP A 72 -2.58 1.22 5.61
C ASP A 72 -2.60 1.08 4.09
N PHE A 73 -3.30 0.08 3.59
CA PHE A 73 -3.47 -0.05 2.14
C PHE A 73 -4.14 1.19 1.54
N LYS A 74 -5.24 1.62 2.16
CA LYS A 74 -5.95 2.81 1.71
C LYS A 74 -5.06 4.07 1.79
N LEU A 75 -4.29 4.19 2.87
CA LEU A 75 -3.35 5.30 3.03
C LEU A 75 -2.38 5.36 1.86
N MET A 76 -1.79 4.22 1.52
CA MET A 76 -0.87 4.12 0.39
C MET A 76 -1.51 4.67 -0.90
N CYS A 77 -2.73 4.22 -1.17
CA CYS A 77 -3.43 4.63 -2.40
C CYS A 77 -3.83 6.11 -2.35
N ASP A 78 -4.30 6.57 -1.20
CA ASP A 78 -4.71 7.96 -1.04
C ASP A 78 -3.50 8.88 -1.19
N ASN A 79 -2.35 8.48 -0.66
CA ASN A 79 -1.13 9.28 -0.82
C ASN A 79 -0.80 9.47 -2.28
N ALA A 80 -0.87 8.39 -3.06
CA ALA A 80 -0.61 8.47 -4.50
C ALA A 80 -1.61 9.39 -5.21
N MET A 81 -2.89 9.34 -4.82
CA MET A 81 -3.92 10.18 -5.44
C MET A 81 -3.87 11.63 -4.95
N THR A 82 -3.09 11.93 -3.91
CA THR A 82 -2.85 13.29 -3.45
C THR A 82 -1.62 13.90 -4.13
N TYR A 83 -0.53 13.14 -4.19
CA TYR A 83 0.73 13.66 -4.73
C TYR A 83 0.70 13.76 -6.24
N ASN A 84 0.09 12.78 -6.90
CA ASN A 84 0.07 12.68 -8.35
C ASN A 84 -1.16 13.33 -8.95
N ARG A 85 -0.99 13.95 -10.12
CA ARG A 85 -2.13 14.44 -10.89
C ARG A 85 -2.90 13.27 -11.49
N PRO A 86 -4.21 13.46 -11.79
CA PRO A 86 -5.01 12.32 -12.26
C PRO A 86 -4.54 11.64 -13.54
N ASP A 87 -3.77 12.32 -14.38
CA ASP A 87 -3.37 11.75 -15.68
C ASP A 87 -2.13 10.85 -15.63
N THR A 88 -1.54 10.64 -14.45
CA THR A 88 -0.30 9.89 -14.31
C THR A 88 -0.56 8.40 -14.11
N VAL A 89 0.46 7.60 -14.42
CA VAL A 89 0.34 6.15 -14.28
C VAL A 89 0.11 5.80 -12.80
N TYR A 90 0.72 6.56 -11.89
CA TYR A 90 0.66 6.26 -10.45
C TYR A 90 -0.71 6.54 -9.86
N TYR A 91 -1.31 7.66 -10.24
CA TYR A 91 -2.67 7.97 -9.79
C TYR A 91 -3.65 6.90 -10.29
N LYS A 92 -3.56 6.58 -11.57
CA LYS A 92 -4.49 5.63 -12.17
C LYS A 92 -4.38 4.24 -11.55
N LEU A 93 -3.15 3.78 -11.30
CA LEU A 93 -2.98 2.47 -10.69
C LEU A 93 -3.46 2.48 -9.22
N ALA A 94 -3.16 3.55 -8.51
CA ALA A 94 -3.63 3.67 -7.12
C ALA A 94 -5.15 3.54 -7.01
N LYS A 95 -5.87 4.24 -7.89
CA LYS A 95 -7.34 4.20 -7.87
C LYS A 95 -7.84 2.80 -8.22
N LYS A 96 -7.26 2.21 -9.26
CA LYS A 96 -7.64 0.88 -9.69
C LYS A 96 -7.44 -0.17 -8.58
N ILE A 97 -6.25 -0.18 -7.97
CA ILE A 97 -5.97 -1.22 -6.97
C ILE A 97 -6.67 -0.95 -5.63
N LEU A 98 -6.94 0.31 -5.34
CA LEU A 98 -7.72 0.64 -4.14
C LEU A 98 -9.07 -0.08 -4.18
N HIS A 99 -9.79 0.11 -5.29
CA HIS A 99 -11.13 -0.49 -5.44
C HIS A 99 -11.07 -1.99 -5.57
N ALA A 100 -10.17 -2.49 -6.43
CA ALA A 100 -10.04 -3.93 -6.65
C ALA A 100 -9.55 -4.66 -5.39
N GLY A 101 -8.64 -4.02 -4.66
CA GLY A 101 -8.07 -4.58 -3.44
C GLY A 101 -9.08 -4.73 -2.32
N PHE A 102 -9.88 -3.68 -2.09
CA PHE A 102 -10.96 -3.77 -1.11
C PHE A 102 -12.00 -4.83 -1.52
N LYS A 103 -12.31 -4.94 -2.81
CA LYS A 103 -13.25 -6.01 -3.25
C LYS A 103 -12.66 -7.40 -2.96
N MET A 104 -11.39 -7.58 -3.25
CA MET A 104 -10.70 -8.86 -3.04
CA MET A 104 -10.71 -8.85 -3.05
C MET A 104 -10.72 -9.28 -1.57
N MET A 105 -10.51 -8.30 -0.68
CA MET A 105 -10.45 -8.57 0.76
C MET A 105 -11.84 -8.76 1.37
N SER A 106 -12.88 -8.41 0.61
CA SER A 106 -14.28 -8.65 0.98
C SER A 106 -14.67 -7.91 2.25
#